data_6TR3
#
_entry.id   6TR3
#
_cell.length_a   144.219
_cell.length_b   48.643
_cell.length_c   80.287
_cell.angle_alpha   90.000
_cell.angle_beta   115.020
_cell.angle_gamma   90.000
#
_symmetry.space_group_name_H-M   'C 1 2 1'
#
loop_
_entity.id
_entity.type
_entity.pdbx_description
1 polymer 'F5/8 type C domain-containing protein'
2 non-polymer beta-L-fucopyranose
3 non-polymer 'MAGNESIUM ION'
4 non-polymer 'CALCIUM ION'
5 water water
#
_entity_poly.entity_id   1
_entity_poly.type   'polypeptide(L)'
_entity_poly.pdbx_seq_one_letter_code
;GPMETTNWIGDENLTGNAEAPAKDDVVPDKNQFRYQKEELAAFCHFGPNTFNEIEWGEHYGNQKPSEIFTLKNDFDAETL
VKTLKDAGFKKLIVTAKHHDGFCIWDSEHTEYDVKASGYKNKNGESDILAEISKACTDQNMDMGLYLSPWDIHEPSYGYK
DEHGNPTTPDKDAKDYNEFYNNQLEEILGNPKYGNDGHFVEVWMDGAKGSGANAQEYDFKKWFKTIQDNEGKAAGYDADC
MLFGAEAYTTVRWIGNELGIAGKDTWSKSKVDKDKNTINSNKQGNATVGFEDGDQWTVPEADARITSGWFWGTKKNTPKT
MEELSDMYFNSVGHNATLLLNVPPNNQGTVDKAILDRVTEFGNNIKATFKTNLAKAEGASVKVSEVRGGAKEYKPGNMID
DNDETYWATSDGKKSGEILIDLGKETKFDVVSIEEAIQNGQRINNYKVEYRNGDSGTWTLLEEGKTIGAKRLCRTSETTA
RQIKITVGTCDGKVPMISEIGVYKSTEDMEKPNPIPKGMEVIDVEDKDVADGKGFTFKGKWNPENQPQYING
;
_entity_poly.pdbx_strand_id   A
#
loop_
_chem_comp.id
_chem_comp.type
_chem_comp.name
_chem_comp.formula
CA non-polymer 'CALCIUM ION' 'Ca 2'
FUL L-saccharide, beta linking beta-L-fucopyranose 'C6 H12 O5'
MG non-polymer 'MAGNESIUM ION' 'Mg 2'
#
# COMPACT_ATOMS: atom_id res chain seq x y z
N ASN A 7 -26.87 28.96 -6.14
CA ASN A 7 -25.89 30.08 -6.24
C ASN A 7 -24.45 29.56 -6.17
N TRP A 8 -23.87 29.27 -7.34
CA TRP A 8 -22.57 28.60 -7.42
C TRP A 8 -21.41 29.59 -7.36
N ILE A 9 -20.36 29.24 -6.61
CA ILE A 9 -19.25 30.14 -6.30
C ILE A 9 -17.98 29.65 -6.99
N GLY A 10 -17.38 30.52 -7.81
CA GLY A 10 -16.15 30.24 -8.52
C GLY A 10 -14.93 30.81 -7.81
N ASP A 11 -13.83 30.93 -8.58
CA ASP A 11 -12.51 31.36 -8.08
C ASP A 11 -12.33 32.89 -8.07
N GLU A 12 -13.20 33.62 -8.76
CA GLU A 12 -13.05 35.06 -8.93
C GLU A 12 -13.51 35.86 -7.69
N ASN A 13 -12.80 36.95 -7.40
CA ASN A 13 -13.16 37.88 -6.33
C ASN A 13 -13.32 37.28 -4.93
N LEU A 14 -12.35 36.45 -4.54
CA LEU A 14 -12.28 35.92 -3.18
C LEU A 14 -11.21 36.71 -2.42
N THR A 15 -11.65 37.70 -1.65
CA THR A 15 -10.77 38.60 -0.89
C THR A 15 -10.97 38.46 0.62
N GLY A 16 -11.69 37.41 1.04
CA GLY A 16 -11.92 37.13 2.44
C GLY A 16 -10.69 36.51 3.08
N ASN A 17 -10.81 36.20 4.37
CA ASN A 17 -9.77 35.46 5.09
C ASN A 17 -10.39 34.62 6.22
N ALA A 18 -9.71 33.52 6.55
CA ALA A 18 -10.14 32.58 7.57
C ALA A 18 -8.94 31.78 8.04
N GLU A 19 -9.03 31.23 9.24
CA GLU A 19 -8.02 30.34 9.76
C GLU A 19 -8.29 28.96 9.18
N ALA A 20 -7.24 28.13 9.14
CA ALA A 20 -7.36 26.79 8.58
C ALA A 20 -8.35 26.00 9.44
N PRO A 21 -9.09 25.04 8.85
CA PRO A 21 -9.93 24.14 9.65
C PRO A 21 -9.07 23.43 10.67
N ALA A 22 -9.64 23.19 11.85
CA ALA A 22 -8.96 22.42 12.88
C ALA A 22 -8.70 21.02 12.31
N LYS A 23 -7.52 20.48 12.61
CA LYS A 23 -7.16 19.11 12.24
C LYS A 23 -7.90 18.14 13.14
N ASP A 24 -8.17 16.93 12.64
CA ASP A 24 -8.65 15.83 13.49
C ASP A 24 -7.55 15.48 14.50
N ASP A 25 -7.95 14.85 15.62
CA ASP A 25 -7.06 14.33 16.64
C ASP A 25 -6.16 13.23 16.05
N VAL A 26 -6.73 12.42 15.15
CA VAL A 26 -6.05 11.28 14.51
C VAL A 26 -5.71 11.58 13.05
N VAL A 27 -4.41 11.66 12.75
CA VAL A 27 -3.93 12.04 11.43
C VAL A 27 -2.75 11.14 11.07
N PRO A 28 -2.43 10.95 9.77
CA PRO A 28 -1.33 10.08 9.37
C PRO A 28 0.00 10.76 9.63
N ASP A 29 1.05 9.97 9.91
CA ASP A 29 2.40 10.51 9.92
C ASP A 29 2.85 10.67 8.47
N LYS A 30 4.05 11.23 8.27
CA LYS A 30 4.51 11.60 6.94
C LYS A 30 4.70 10.39 6.01
N ASN A 31 5.08 9.24 6.59
CA ASN A 31 5.22 7.99 5.82
C ASN A 31 3.85 7.46 5.40
N GLN A 32 2.90 7.43 6.35
CA GLN A 32 1.56 6.95 6.07
C GLN A 32 0.89 7.82 5.01
N PHE A 33 1.04 9.15 5.12
CA PHE A 33 0.48 10.06 4.14
C PHE A 33 1.10 9.81 2.77
N ARG A 34 2.43 9.75 2.72
CA ARG A 34 3.12 9.52 1.45
C ARG A 34 2.64 8.21 0.81
N TYR A 35 2.57 7.15 1.62
CA TYR A 35 2.13 5.85 1.14
C TYR A 35 0.69 5.91 0.56
N GLN A 36 -0.24 6.54 1.28
CA GLN A 36 -1.62 6.65 0.82
C GLN A 36 -1.71 7.41 -0.51
N LYS A 37 -0.87 8.43 -0.70
CA LYS A 37 -0.86 9.16 -1.97
C LYS A 37 -0.12 8.44 -3.14
N GLU A 38 0.84 7.56 -2.81
CA GLU A 38 1.50 6.71 -3.79
C GLU A 38 0.55 5.67 -4.39
N GLU A 39 -0.35 5.13 -3.57
CA GLU A 39 -1.43 4.22 -3.98
C GLU A 39 -1.00 2.78 -4.38
N LEU A 40 0.10 2.68 -5.14
CA LEU A 40 0.61 1.42 -5.71
C LEU A 40 1.96 1.00 -5.15
N ALA A 41 2.01 -0.24 -4.66
CA ALA A 41 3.23 -0.86 -4.13
C ALA A 41 3.31 -2.26 -4.75
N ALA A 42 4.53 -2.79 -4.85
CA ALA A 42 4.80 -4.11 -5.41
C ALA A 42 5.39 -5.00 -4.34
N PHE A 43 5.06 -6.29 -4.42
CA PHE A 43 5.59 -7.34 -3.56
C PHE A 43 6.52 -8.14 -4.45
N CYS A 44 7.60 -8.65 -3.85
CA CYS A 44 8.52 -9.58 -4.51
C CYS A 44 8.77 -10.78 -3.61
N HIS A 45 8.13 -11.91 -3.94
CA HIS A 45 8.34 -13.19 -3.29
C HIS A 45 9.34 -13.97 -4.13
N PHE A 46 10.46 -14.32 -3.49
CA PHE A 46 11.58 -14.97 -4.15
C PHE A 46 12.39 -15.65 -3.05
N GLY A 47 12.73 -16.92 -3.31
CA GLY A 47 13.57 -17.74 -2.46
C GLY A 47 13.47 -19.20 -2.87
N PRO A 48 13.81 -20.15 -1.98
CA PRO A 48 13.76 -21.58 -2.29
C PRO A 48 12.43 -22.03 -2.90
N ASN A 49 11.31 -21.47 -2.43
CA ASN A 49 10.02 -21.89 -2.94
C ASN A 49 9.90 -21.72 -4.47
N THR A 50 10.57 -20.69 -5.00
CA THR A 50 10.61 -20.38 -6.43
C THR A 50 11.12 -21.55 -7.26
N PHE A 51 11.97 -22.38 -6.65
CA PHE A 51 12.64 -23.46 -7.31
C PHE A 51 12.04 -24.82 -6.96
N ASN A 52 10.97 -24.81 -6.15
CA ASN A 52 10.42 -26.08 -5.62
C ASN A 52 8.89 -26.24 -5.71
N GLU A 53 8.25 -25.43 -6.57
CA GLU A 53 6.85 -25.58 -6.94
C GLU A 53 5.97 -25.68 -5.69
N ILE A 54 6.12 -24.72 -4.78
CA ILE A 54 5.41 -24.77 -3.52
C ILE A 54 5.19 -23.38 -2.98
N GLU A 55 4.17 -23.20 -2.14
CA GLU A 55 3.88 -21.88 -1.56
C GLU A 55 4.45 -21.65 -0.18
N TRP A 56 4.33 -22.67 0.69
CA TRP A 56 4.95 -22.68 2.01
C TRP A 56 5.98 -23.80 2.02
N GLY A 57 7.26 -23.45 2.24
CA GLY A 57 8.35 -24.42 2.20
C GLY A 57 8.49 -25.14 3.52
N GLU A 58 7.60 -26.12 3.75
CA GLU A 58 7.46 -26.81 5.03
C GLU A 58 8.25 -28.13 5.10
N HIS A 59 8.78 -28.58 3.96
CA HIS A 59 9.36 -29.92 3.81
C HIS A 59 10.83 -29.95 3.40
N TYR A 60 11.59 -28.87 3.65
CA TYR A 60 12.98 -28.85 3.21
C TYR A 60 13.91 -29.69 4.09
N GLY A 61 13.53 -29.92 5.34
CA GLY A 61 14.29 -30.74 6.27
C GLY A 61 15.74 -30.30 6.35
N ASN A 62 16.67 -31.25 6.28
CA ASN A 62 18.10 -30.96 6.39
C ASN A 62 18.81 -30.72 5.05
N GLN A 63 18.03 -30.48 3.98
CA GLN A 63 18.63 -30.18 2.69
C GLN A 63 19.48 -28.91 2.80
N LYS A 64 20.63 -28.91 2.11
CA LYS A 64 21.55 -27.79 2.11
C LYS A 64 21.05 -26.63 1.25
N PRO A 65 21.44 -25.38 1.54
CA PRO A 65 21.14 -24.24 0.68
C PRO A 65 21.35 -24.50 -0.82
N SER A 66 22.45 -25.18 -1.18
CA SER A 66 22.77 -25.47 -2.58
C SER A 66 21.74 -26.37 -3.28
N GLU A 67 21.03 -27.18 -2.48
CA GLU A 67 20.02 -28.13 -2.95
C GLU A 67 18.64 -27.50 -3.14
N ILE A 68 18.33 -26.44 -2.38
CA ILE A 68 17.00 -25.81 -2.43
C ILE A 68 16.94 -24.43 -3.13
N PHE A 69 18.07 -23.73 -3.16
CA PHE A 69 18.19 -22.46 -3.88
C PHE A 69 19.22 -22.64 -4.99
N THR A 70 18.74 -22.93 -6.20
CA THR A 70 19.59 -23.42 -7.30
C THR A 70 19.80 -22.42 -8.42
N LEU A 71 19.53 -21.13 -8.16
CA LEU A 71 19.75 -20.07 -9.12
C LEU A 71 21.16 -20.07 -9.69
N LYS A 72 21.26 -20.10 -11.03
N LYS A 72 21.26 -20.10 -11.03
CA LYS A 72 22.50 -20.09 -11.77
CA LYS A 72 22.50 -20.09 -11.77
C LYS A 72 22.78 -18.69 -12.29
C LYS A 72 22.78 -18.69 -12.29
N ASN A 73 21.81 -18.15 -13.04
CA ASN A 73 21.95 -16.85 -13.67
C ASN A 73 21.97 -15.73 -12.66
N ASP A 74 22.74 -14.68 -12.97
CA ASP A 74 22.75 -13.43 -12.22
C ASP A 74 21.32 -12.90 -12.14
N PHE A 75 20.84 -12.66 -10.92
CA PHE A 75 19.50 -12.10 -10.67
C PHE A 75 19.38 -10.76 -11.36
N ASP A 76 18.30 -10.57 -12.12
CA ASP A 76 18.09 -9.33 -12.88
C ASP A 76 17.16 -8.37 -12.13
N ALA A 77 17.73 -7.63 -11.18
CA ALA A 77 17.01 -6.64 -10.37
C ALA A 77 16.60 -5.43 -11.21
N GLU A 78 17.50 -5.05 -12.12
CA GLU A 78 17.34 -3.87 -12.98
C GLU A 78 16.01 -3.90 -13.75
N THR A 79 15.78 -5.00 -14.48
CA THR A 79 14.60 -5.12 -15.34
C THR A 79 13.32 -5.04 -14.52
N LEU A 80 13.30 -5.76 -13.40
CA LEU A 80 12.14 -5.82 -12.53
C LEU A 80 11.80 -4.45 -12.01
N VAL A 81 12.78 -3.78 -11.39
CA VAL A 81 12.56 -2.47 -10.80
C VAL A 81 12.13 -1.44 -11.86
N LYS A 82 12.81 -1.47 -13.02
CA LYS A 82 12.52 -0.52 -14.11
C LYS A 82 11.08 -0.70 -14.61
N THR A 83 10.67 -1.97 -14.78
CA THR A 83 9.31 -2.24 -15.24
C THR A 83 8.29 -1.73 -14.24
N LEU A 84 8.55 -2.00 -12.95
CA LEU A 84 7.64 -1.62 -11.90
C LEU A 84 7.56 -0.09 -11.76
N LYS A 85 8.72 0.57 -11.80
CA LYS A 85 8.77 2.05 -11.77
C LYS A 85 7.98 2.70 -12.93
N ASP A 86 8.22 2.21 -14.15
CA ASP A 86 7.51 2.72 -15.33
C ASP A 86 6.00 2.54 -15.23
N ALA A 87 5.56 1.49 -14.53
CA ALA A 87 4.14 1.23 -14.35
C ALA A 87 3.49 1.97 -13.18
N GLY A 88 4.27 2.76 -12.43
CA GLY A 88 3.75 3.67 -11.40
C GLY A 88 3.79 3.09 -9.99
N PHE A 89 4.51 1.99 -9.80
CA PHE A 89 4.72 1.41 -8.48
C PHE A 89 5.79 2.26 -7.79
N LYS A 90 5.58 2.57 -6.51
CA LYS A 90 6.40 3.51 -5.80
C LYS A 90 7.19 2.85 -4.67
N LYS A 91 6.95 1.55 -4.46
CA LYS A 91 7.66 0.81 -3.43
C LYS A 91 7.72 -0.67 -3.80
N LEU A 92 8.82 -1.32 -3.41
CA LEU A 92 8.98 -2.78 -3.58
C LEU A 92 9.26 -3.39 -2.20
N ILE A 93 8.40 -4.31 -1.75
CA ILE A 93 8.57 -5.04 -0.50
C ILE A 93 9.13 -6.42 -0.84
N VAL A 94 10.33 -6.71 -0.33
CA VAL A 94 11.09 -7.91 -0.63
C VAL A 94 11.01 -8.93 0.50
N THR A 95 10.72 -10.20 0.16
CA THR A 95 10.78 -11.29 1.10
C THR A 95 12.23 -11.71 1.33
N ALA A 96 12.88 -11.03 2.28
CA ALA A 96 14.26 -11.37 2.70
C ALA A 96 14.33 -12.77 3.30
N LYS A 97 13.25 -13.16 3.98
CA LYS A 97 13.14 -14.47 4.56
C LYS A 97 11.68 -14.80 4.65
N HIS A 98 11.30 -15.95 4.08
CA HIS A 98 9.96 -16.51 4.19
C HIS A 98 9.91 -17.49 5.37
N HIS A 99 8.80 -18.21 5.50
CA HIS A 99 8.54 -19.09 6.63
C HIS A 99 9.60 -20.20 6.73
N ASP A 100 10.08 -20.64 5.56
CA ASP A 100 11.13 -21.65 5.50
C ASP A 100 12.43 -21.30 6.20
N GLY A 101 12.67 -20.01 6.45
CA GLY A 101 13.86 -19.56 7.15
C GLY A 101 15.08 -19.20 6.29
N PHE A 102 14.98 -19.44 4.97
CA PHE A 102 16.12 -19.25 4.07
C PHE A 102 16.28 -17.76 3.82
N CYS A 103 17.47 -17.25 4.09
CA CYS A 103 17.72 -15.81 3.97
C CYS A 103 18.34 -15.49 2.61
N ILE A 104 17.73 -14.55 1.87
CA ILE A 104 18.27 -14.15 0.55
C ILE A 104 19.21 -12.94 0.61
N TRP A 105 19.84 -12.73 1.77
CA TRP A 105 20.97 -11.82 1.92
C TRP A 105 22.11 -12.58 2.59
N ASP A 106 23.31 -12.01 2.53
CA ASP A 106 24.49 -12.65 3.14
C ASP A 106 24.48 -12.35 4.64
N SER A 107 23.91 -13.27 5.44
CA SER A 107 23.78 -13.11 6.88
C SER A 107 24.84 -13.84 7.69
N GLU A 108 25.50 -13.11 8.60
CA GLU A 108 26.45 -13.71 9.53
C GLU A 108 25.77 -14.48 10.67
N HIS A 109 24.45 -14.38 10.80
CA HIS A 109 23.70 -14.99 11.90
C HIS A 109 23.12 -16.35 11.56
N THR A 110 23.23 -16.76 10.28
CA THR A 110 22.85 -18.10 9.87
C THR A 110 23.68 -18.57 8.69
N GLU A 111 23.82 -19.89 8.57
CA GLU A 111 24.37 -20.52 7.39
C GLU A 111 23.28 -20.90 6.36
N TYR A 112 22.01 -20.65 6.71
CA TYR A 112 20.89 -21.02 5.84
C TYR A 112 20.53 -19.85 4.97
N ASP A 113 21.46 -19.50 4.07
CA ASP A 113 21.30 -18.34 3.25
C ASP A 113 21.92 -18.48 1.86
N VAL A 114 21.70 -17.43 1.06
CA VAL A 114 22.14 -17.41 -0.32
C VAL A 114 23.66 -17.53 -0.45
N LYS A 115 24.40 -17.02 0.54
CA LYS A 115 25.86 -17.04 0.54
C LYS A 115 26.36 -18.47 0.55
N ALA A 116 25.69 -19.33 1.32
CA ALA A 116 25.99 -20.76 1.41
C ALA A 116 25.51 -21.59 0.23
N SER A 117 24.62 -21.02 -0.61
CA SER A 117 24.01 -21.77 -1.72
C SER A 117 24.90 -22.05 -2.92
N GLY A 118 25.90 -21.22 -3.17
CA GLY A 118 26.71 -21.33 -4.39
C GLY A 118 26.37 -20.28 -5.45
N TYR A 119 25.19 -19.65 -5.33
CA TYR A 119 24.82 -18.55 -6.20
C TYR A 119 25.84 -17.43 -6.09
N LYS A 120 26.22 -16.88 -7.25
CA LYS A 120 27.13 -15.76 -7.33
C LYS A 120 26.76 -14.96 -8.58
N ASN A 121 26.68 -13.64 -8.44
CA ASN A 121 26.43 -12.73 -9.58
C ASN A 121 27.73 -12.53 -10.35
N LYS A 122 27.70 -11.67 -11.39
CA LYS A 122 28.86 -11.44 -12.26
C LYS A 122 30.12 -11.06 -11.48
N ASN A 123 29.94 -10.38 -10.34
CA ASN A 123 31.01 -9.93 -9.47
C ASN A 123 31.34 -10.91 -8.34
N GLY A 124 30.83 -12.14 -8.46
CA GLY A 124 31.07 -13.18 -7.48
C GLY A 124 30.45 -12.95 -6.10
N GLU A 125 29.50 -12.02 -6.00
CA GLU A 125 28.80 -11.71 -4.74
C GLU A 125 27.48 -12.47 -4.66
N SER A 126 27.02 -12.74 -3.44
CA SER A 126 25.88 -13.62 -3.18
C SER A 126 24.88 -13.00 -2.20
N ASP A 127 24.04 -12.11 -2.72
CA ASP A 127 23.16 -11.35 -1.88
C ASP A 127 22.08 -10.73 -2.74
N ILE A 128 20.91 -11.38 -2.78
CA ILE A 128 19.83 -10.95 -3.64
C ILE A 128 19.24 -9.64 -3.14
N LEU A 129 19.10 -9.53 -1.81
CA LEU A 129 18.59 -8.30 -1.23
C LEU A 129 19.50 -7.10 -1.59
N ALA A 130 20.82 -7.30 -1.60
CA ALA A 130 21.73 -6.23 -1.98
C ALA A 130 21.54 -5.85 -3.44
N GLU A 131 21.31 -6.86 -4.30
CA GLU A 131 21.13 -6.63 -5.73
C GLU A 131 19.87 -5.81 -6.01
N ILE A 132 18.77 -6.17 -5.33
CA ILE A 132 17.50 -5.46 -5.46
C ILE A 132 17.64 -4.04 -4.90
N SER A 133 18.31 -3.91 -3.75
CA SER A 133 18.58 -2.61 -3.14
C SER A 133 19.36 -1.65 -4.06
N LYS A 134 20.37 -2.18 -4.75
CA LYS A 134 21.17 -1.36 -5.67
C LYS A 134 20.26 -0.80 -6.78
N ALA A 135 19.43 -1.68 -7.37
CA ALA A 135 18.50 -1.29 -8.43
C ALA A 135 17.43 -0.30 -7.93
N CYS A 136 16.90 -0.53 -6.73
CA CYS A 136 15.95 0.40 -6.15
C CYS A 136 16.57 1.77 -5.88
N THR A 137 17.83 1.78 -5.42
CA THR A 137 18.52 3.03 -5.10
C THR A 137 18.74 3.82 -6.38
N ASP A 138 19.22 3.14 -7.42
CA ASP A 138 19.48 3.73 -8.74
C ASP A 138 18.24 4.36 -9.35
N GLN A 139 17.08 3.76 -9.10
CA GLN A 139 15.81 4.23 -9.65
C GLN A 139 14.92 4.99 -8.69
N ASN A 140 15.45 5.29 -7.51
CA ASN A 140 14.70 5.90 -6.41
C ASN A 140 13.35 5.23 -6.15
N MET A 141 13.38 3.91 -5.98
CA MET A 141 12.23 3.10 -5.64
C MET A 141 12.35 2.79 -4.13
N ASP A 142 11.37 3.21 -3.34
CA ASP A 142 11.37 2.92 -1.91
C ASP A 142 11.19 1.43 -1.69
N MET A 143 11.59 0.96 -0.51
CA MET A 143 11.57 -0.47 -0.19
C MET A 143 10.91 -0.78 1.13
N GLY A 144 10.31 -1.97 1.18
CA GLY A 144 9.84 -2.59 2.40
C GLY A 144 10.59 -3.92 2.58
N LEU A 145 10.64 -4.36 3.84
CA LEU A 145 11.33 -5.56 4.26
C LEU A 145 10.33 -6.53 4.87
N TYR A 146 10.20 -7.71 4.25
CA TYR A 146 9.40 -8.82 4.78
C TYR A 146 10.38 -9.81 5.40
N LEU A 147 10.18 -10.07 6.69
CA LEU A 147 11.05 -10.96 7.46
C LEU A 147 10.14 -11.82 8.34
N SER A 148 9.91 -13.06 7.90
CA SER A 148 8.94 -13.93 8.53
C SER A 148 9.28 -14.19 10.00
N PRO A 149 8.38 -13.84 10.93
CA PRO A 149 8.57 -14.21 12.34
C PRO A 149 8.60 -15.72 12.51
N TRP A 150 7.62 -16.43 11.93
CA TRP A 150 7.64 -17.90 11.99
C TRP A 150 8.84 -18.37 11.15
N ASP A 151 9.71 -19.15 11.76
CA ASP A 151 10.89 -19.70 11.12
C ASP A 151 10.97 -21.21 11.33
N ILE A 152 10.77 -21.96 10.25
CA ILE A 152 10.74 -23.42 10.26
C ILE A 152 12.12 -24.06 10.48
N HIS A 153 13.18 -23.36 10.07
CA HIS A 153 14.54 -23.88 10.06
C HIS A 153 15.41 -23.50 11.27
N GLU A 154 15.33 -22.22 11.68
CA GLU A 154 16.29 -21.65 12.63
C GLU A 154 16.21 -22.40 13.97
N PRO A 155 17.30 -23.05 14.44
CA PRO A 155 17.26 -23.84 15.66
C PRO A 155 16.74 -23.14 16.90
N SER A 156 16.95 -21.82 17.01
CA SER A 156 16.53 -21.07 18.16
C SER A 156 15.01 -20.86 18.24
N TYR A 157 14.27 -21.14 17.15
CA TYR A 157 12.81 -21.00 17.16
C TYR A 157 12.20 -22.03 18.11
N GLY A 158 11.32 -21.56 19.00
CA GLY A 158 10.72 -22.39 20.03
C GLY A 158 11.63 -22.57 21.23
N TYR A 159 11.13 -23.28 22.23
CA TYR A 159 11.81 -23.46 23.51
C TYR A 159 12.52 -24.79 23.55
N LYS A 160 13.85 -24.75 23.43
CA LYS A 160 14.66 -25.98 23.46
C LYS A 160 15.91 -25.84 24.32
N ASP A 161 16.31 -26.96 24.93
CA ASP A 161 17.55 -27.05 25.68
C ASP A 161 18.72 -27.09 24.68
N GLU A 162 19.94 -27.26 25.22
CA GLU A 162 21.16 -27.19 24.43
C GLU A 162 21.21 -28.25 23.33
N HIS A 163 20.64 -29.43 23.62
CA HIS A 163 20.63 -30.57 22.71
C HIS A 163 19.47 -30.61 21.71
N GLY A 164 18.52 -29.67 21.84
CA GLY A 164 17.37 -29.57 20.97
C GLY A 164 16.09 -30.23 21.49
N ASN A 165 16.12 -30.67 22.75
CA ASN A 165 14.91 -31.23 23.38
C ASN A 165 13.97 -30.11 23.83
N PRO A 166 12.64 -30.26 23.64
CA PRO A 166 11.72 -29.19 23.99
C PRO A 166 11.75 -28.95 25.50
N THR A 167 11.62 -27.69 25.92
CA THR A 167 11.67 -27.34 27.33
C THR A 167 10.77 -26.11 27.57
N THR A 168 10.81 -25.55 28.79
CA THR A 168 10.02 -24.36 29.13
C THR A 168 10.79 -23.11 28.74
N PRO A 169 10.10 -21.96 28.54
CA PRO A 169 10.77 -20.71 28.13
C PRO A 169 11.95 -20.28 28.97
N ASP A 170 11.91 -20.54 30.29
CA ASP A 170 12.96 -20.15 31.20
C ASP A 170 14.24 -20.96 31.02
N LYS A 171 14.12 -22.14 30.40
CA LYS A 171 15.24 -23.06 30.21
C LYS A 171 15.77 -23.08 28.79
N ASP A 172 15.19 -22.22 27.95
CA ASP A 172 15.49 -22.14 26.53
C ASP A 172 16.92 -21.63 26.34
N ALA A 173 17.75 -22.42 25.64
CA ALA A 173 19.17 -22.17 25.51
C ALA A 173 19.55 -21.07 24.51
N LYS A 174 18.77 -20.92 23.44
CA LYS A 174 18.97 -19.86 22.44
C LYS A 174 17.63 -19.13 22.15
N ASP A 175 17.61 -17.83 22.42
CA ASP A 175 16.42 -16.98 22.27
C ASP A 175 16.24 -16.55 20.81
N TYR A 176 15.14 -17.02 20.19
CA TYR A 176 14.79 -16.62 18.83
C TYR A 176 14.64 -15.10 18.69
N ASN A 177 14.12 -14.45 19.74
CA ASN A 177 14.00 -13.00 19.74
C ASN A 177 15.33 -12.28 19.48
N GLU A 178 16.44 -12.82 19.97
CA GLU A 178 17.77 -12.27 19.74
C GLU A 178 18.22 -12.45 18.29
N PHE A 179 17.96 -13.64 17.73
CA PHE A 179 18.25 -13.95 16.34
C PHE A 179 17.50 -13.05 15.38
N TYR A 180 16.18 -12.94 15.58
CA TYR A 180 15.35 -12.10 14.73
C TYR A 180 15.81 -10.62 14.83
N ASN A 181 16.03 -10.16 16.06
CA ASN A 181 16.52 -8.80 16.31
C ASN A 181 17.86 -8.55 15.62
N ASN A 182 18.80 -9.50 15.75
CA ASN A 182 20.11 -9.37 15.12
C ASN A 182 19.98 -9.24 13.59
N GLN A 183 19.07 -10.01 12.99
CA GLN A 183 18.87 -9.94 11.55
C GLN A 183 18.26 -8.60 11.14
N LEU A 184 17.34 -8.05 11.96
CA LEU A 184 16.80 -6.72 11.70
C LEU A 184 17.94 -5.70 11.70
N GLU A 185 18.79 -5.76 12.74
CA GLU A 185 19.92 -4.84 12.86
C GLU A 185 20.90 -4.98 11.65
N GLU A 186 21.15 -6.23 11.25
CA GLU A 186 22.09 -6.56 10.17
C GLU A 186 21.64 -5.95 8.84
N ILE A 187 20.35 -6.04 8.57
CA ILE A 187 19.78 -5.48 7.34
C ILE A 187 19.61 -3.95 7.45
N LEU A 188 18.94 -3.52 8.51
CA LEU A 188 18.51 -2.12 8.62
C LEU A 188 19.69 -1.21 8.89
N GLY A 189 20.71 -1.75 9.55
CA GLY A 189 21.90 -1.00 9.92
C GLY A 189 22.94 -0.90 8.83
N ASN A 190 22.80 -1.67 7.75
CA ASN A 190 23.79 -1.68 6.68
C ASN A 190 23.37 -0.81 5.49
N PRO A 191 24.18 0.20 5.08
CA PRO A 191 23.79 1.07 3.98
C PRO A 191 23.46 0.39 2.64
N LYS A 192 23.93 -0.85 2.43
CA LYS A 192 23.74 -1.51 1.15
C LYS A 192 22.34 -2.11 0.97
N TYR A 193 21.51 -2.11 2.01
CA TYR A 193 20.14 -2.58 1.92
C TYR A 193 19.18 -1.41 2.04
N GLY A 194 18.13 -1.44 1.19
CA GLY A 194 17.13 -0.38 1.15
C GLY A 194 17.37 0.60 0.02
N ASN A 195 16.48 1.59 -0.08
CA ASN A 195 16.67 2.75 -0.95
C ASN A 195 17.60 3.74 -0.25
N ASP A 196 18.88 3.71 -0.65
CA ASP A 196 19.91 4.50 -0.01
C ASP A 196 19.88 4.25 1.50
N GLY A 197 19.87 2.96 1.87
CA GLY A 197 19.92 2.52 3.27
C GLY A 197 18.59 2.48 4.00
N HIS A 198 17.53 2.98 3.37
CA HIS A 198 16.25 3.20 4.04
C HIS A 198 15.17 2.27 3.60
N PHE A 199 14.44 1.71 4.57
CA PHE A 199 13.18 1.05 4.36
C PHE A 199 12.10 1.90 5.01
N VAL A 200 10.93 1.98 4.35
CA VAL A 200 9.78 2.70 4.90
C VAL A 200 8.70 1.81 5.52
N GLU A 201 8.82 0.49 5.33
CA GLU A 201 7.82 -0.47 5.82
C GLU A 201 8.52 -1.78 6.17
N VAL A 202 8.16 -2.35 7.33
CA VAL A 202 8.57 -3.69 7.72
C VAL A 202 7.33 -4.56 7.90
N TRP A 203 7.34 -5.71 7.21
CA TRP A 203 6.29 -6.73 7.22
C TRP A 203 6.67 -7.88 8.16
N MET A 204 5.91 -8.03 9.23
CA MET A 204 6.13 -9.07 10.21
C MET A 204 4.82 -9.85 10.38
N ASP A 205 4.28 -10.34 9.27
CA ASP A 205 3.00 -11.03 9.27
C ASP A 205 3.02 -12.29 10.12
N GLY A 206 1.93 -12.49 10.86
CA GLY A 206 1.85 -13.55 11.84
C GLY A 206 1.34 -14.89 11.35
N ALA A 207 1.20 -15.09 10.03
CA ALA A 207 0.82 -16.40 9.51
C ALA A 207 1.79 -17.49 9.98
N LYS A 208 1.22 -18.58 10.49
CA LYS A 208 1.96 -19.60 11.17
C LYS A 208 1.25 -20.94 11.06
N GLY A 209 2.01 -22.01 10.78
CA GLY A 209 1.49 -23.38 10.68
C GLY A 209 0.80 -23.75 11.97
N SER A 210 -0.37 -24.40 11.86
CA SER A 210 -1.18 -24.72 13.02
C SER A 210 -0.46 -25.68 13.99
N GLY A 211 0.50 -26.46 13.48
CA GLY A 211 1.25 -27.41 14.28
C GLY A 211 2.63 -26.96 14.73
N ALA A 212 3.00 -25.71 14.45
CA ALA A 212 4.31 -25.20 14.79
C ALA A 212 4.44 -24.93 16.30
N ASN A 213 5.66 -25.02 16.81
CA ASN A 213 5.96 -24.81 18.21
C ASN A 213 5.63 -23.38 18.65
N ALA A 214 5.29 -23.23 19.92
CA ALA A 214 5.05 -21.93 20.54
C ALA A 214 6.34 -21.10 20.53
N GLN A 215 6.17 -19.78 20.36
CA GLN A 215 7.27 -18.80 20.44
C GLN A 215 6.67 -17.41 20.65
N GLU A 216 6.96 -16.81 21.81
CA GLU A 216 6.58 -15.43 22.12
C GLU A 216 7.55 -14.46 21.43
N TYR A 217 7.00 -13.42 20.80
CA TYR A 217 7.84 -12.44 20.13
C TYR A 217 8.00 -11.20 20.99
N ASP A 218 9.25 -10.74 21.12
CA ASP A 218 9.60 -9.49 21.80
C ASP A 218 9.45 -8.33 20.82
N PHE A 219 8.19 -7.98 20.53
CA PHE A 219 7.83 -6.95 19.58
C PHE A 219 8.45 -5.59 19.95
N LYS A 220 8.51 -5.28 21.25
CA LYS A 220 9.03 -3.97 21.70
C LYS A 220 10.50 -3.81 21.33
N LYS A 221 11.27 -4.88 21.55
CA LYS A 221 12.68 -4.91 21.20
C LYS A 221 12.88 -4.74 19.68
N TRP A 222 12.11 -5.48 18.89
CA TRP A 222 12.16 -5.41 17.42
C TRP A 222 11.85 -4.01 16.92
N PHE A 223 10.80 -3.40 17.48
CA PHE A 223 10.35 -2.09 17.03
C PHE A 223 11.40 -1.03 17.31
N LYS A 224 12.04 -1.10 18.49
CA LYS A 224 13.12 -0.18 18.81
C LYS A 224 14.28 -0.27 17.80
N THR A 225 14.65 -1.51 17.43
CA THR A 225 15.71 -1.78 16.48
C THR A 225 15.35 -1.20 15.12
N ILE A 226 14.10 -1.39 14.72
CA ILE A 226 13.61 -0.84 13.46
C ILE A 226 13.71 0.68 13.47
N GLN A 227 13.17 1.32 14.52
CA GLN A 227 13.14 2.81 14.57
C GLN A 227 14.50 3.44 14.79
N ASP A 228 15.39 2.75 15.51
CA ASP A 228 16.76 3.22 15.68
C ASP A 228 17.54 3.29 14.35
N ASN A 229 17.10 2.50 13.37
CA ASN A 229 17.73 2.47 12.05
C ASN A 229 16.96 3.17 10.93
N GLU A 230 15.64 3.18 11.05
CA GLU A 230 14.77 3.62 9.97
C GLU A 230 13.64 4.59 10.37
N GLY A 231 13.63 5.05 11.62
CA GLY A 231 12.58 5.94 12.14
C GLY A 231 13.10 7.29 12.59
N LYS A 232 12.27 8.01 13.37
CA LYS A 232 12.64 9.32 13.94
C LYS A 232 13.98 9.31 14.70
N ALA A 233 14.22 8.24 15.49
CA ALA A 233 15.46 8.07 16.25
C ALA A 233 16.70 8.03 15.35
N ALA A 234 16.52 7.58 14.11
CA ALA A 234 17.57 7.56 13.07
C ALA A 234 17.67 8.86 12.27
N GLY A 235 16.77 9.82 12.54
CA GLY A 235 16.76 11.13 11.92
C GLY A 235 15.81 11.32 10.76
N TYR A 236 14.95 10.32 10.51
CA TYR A 236 13.90 10.41 9.49
C TYR A 236 12.69 11.22 10.04
N ASP A 237 11.82 11.67 9.13
CA ASP A 237 10.72 12.56 9.46
C ASP A 237 9.48 11.81 9.99
N ALA A 238 9.55 10.47 9.97
CA ALA A 238 8.51 9.62 10.50
C ALA A 238 9.12 8.30 10.91
N ASP A 239 8.39 7.57 11.76
CA ASP A 239 8.79 6.21 12.10
C ASP A 239 8.52 5.32 10.89
N CYS A 240 9.34 4.28 10.74
CA CYS A 240 9.14 3.26 9.73
C CYS A 240 7.82 2.56 10.00
N MET A 241 7.05 2.33 8.95
CA MET A 241 5.71 1.74 9.05
C MET A 241 5.83 0.27 9.35
N LEU A 242 4.91 -0.25 10.15
CA LEU A 242 4.91 -1.63 10.61
C LEU A 242 3.62 -2.32 10.23
N PHE A 243 3.77 -3.48 9.60
CA PHE A 243 2.67 -4.40 9.25
C PHE A 243 2.80 -5.64 10.14
N GLY A 244 1.69 -6.02 10.77
CA GLY A 244 1.59 -7.23 11.58
C GLY A 244 2.13 -7.06 12.98
N ALA A 245 2.12 -5.82 13.47
CA ALA A 245 2.72 -5.46 14.74
C ALA A 245 1.68 -5.22 15.85
N GLU A 246 0.53 -5.88 15.74
CA GLU A 246 -0.55 -5.80 16.75
C GLU A 246 -0.86 -4.32 17.03
N ALA A 247 -0.84 -3.87 18.30
CA ALA A 247 -1.24 -2.49 18.66
C ALA A 247 -0.34 -1.40 18.09
N TYR A 248 0.86 -1.80 17.65
CA TYR A 248 1.84 -0.91 17.02
C TYR A 248 1.76 -0.90 15.49
N THR A 249 0.74 -1.57 14.93
CA THR A 249 0.48 -1.59 13.50
C THR A 249 0.19 -0.18 12.96
N THR A 250 0.92 0.21 11.91
CA THR A 250 0.63 1.47 11.18
C THR A 250 0.26 1.26 9.71
N VAL A 251 0.37 0.03 9.20
CA VAL A 251 -0.19 -0.37 7.90
C VAL A 251 -0.90 -1.68 8.20
N ARG A 252 -2.23 -1.68 8.09
CA ARG A 252 -3.04 -2.85 8.39
C ARG A 252 -3.33 -3.72 7.18
N TRP A 253 -3.57 -5.00 7.46
CA TRP A 253 -4.03 -5.93 6.47
C TRP A 253 -5.51 -5.64 6.14
N ILE A 254 -5.82 -5.53 4.84
CA ILE A 254 -7.20 -5.29 4.39
C ILE A 254 -8.14 -6.45 4.75
N GLY A 255 -7.57 -7.62 5.03
CA GLY A 255 -8.33 -8.76 5.55
C GLY A 255 -8.73 -9.81 4.52
N ASN A 256 -8.23 -9.68 3.30
CA ASN A 256 -8.37 -10.65 2.23
C ASN A 256 -7.18 -10.50 1.28
N GLU A 257 -7.01 -11.49 0.38
CA GLU A 257 -5.91 -11.46 -0.59
C GLU A 257 -6.39 -11.25 -2.02
N LEU A 258 -7.56 -10.62 -2.17
CA LEU A 258 -8.21 -10.43 -3.46
C LEU A 258 -7.95 -9.05 -4.06
N GLY A 259 -7.30 -8.17 -3.28
CA GLY A 259 -7.12 -6.79 -3.66
C GLY A 259 -8.39 -5.97 -3.55
N ILE A 260 -9.24 -6.30 -2.58
CA ILE A 260 -10.58 -5.70 -2.41
C ILE A 260 -10.72 -5.08 -1.03
N ALA A 261 -10.89 -3.76 -0.98
CA ALA A 261 -11.29 -3.07 0.24
C ALA A 261 -12.81 -2.88 0.25
N GLY A 262 -13.39 -2.86 1.46
CA GLY A 262 -14.79 -2.52 1.65
C GLY A 262 -15.10 -1.17 1.00
N LYS A 263 -16.35 -1.00 0.59
CA LYS A 263 -16.80 0.22 -0.06
C LYS A 263 -16.50 1.48 0.77
N ASP A 264 -16.83 1.42 2.06
CA ASP A 264 -16.58 2.52 2.98
C ASP A 264 -15.46 2.16 3.94
N THR A 265 -14.23 2.51 3.54
CA THR A 265 -13.03 2.19 4.28
C THR A 265 -12.44 3.43 4.98
N TRP A 266 -12.25 3.31 6.30
CA TRP A 266 -11.58 4.29 7.14
C TRP A 266 -10.14 3.86 7.39
N SER A 267 -9.21 4.83 7.31
CA SER A 267 -7.80 4.60 7.59
C SER A 267 -7.45 4.66 9.09
N LYS A 268 -8.37 4.20 9.94
CA LYS A 268 -8.21 4.25 11.40
C LYS A 268 -8.69 2.98 12.06
N SER A 269 -7.93 2.53 13.06
CA SER A 269 -8.24 1.38 13.87
C SER A 269 -8.35 1.81 15.32
N LYS A 270 -8.83 0.88 16.15
CA LYS A 270 -8.85 1.01 17.61
C LYS A 270 -7.75 0.11 18.17
N VAL A 271 -6.83 0.70 18.95
CA VAL A 271 -5.73 -0.05 19.54
C VAL A 271 -5.71 0.09 21.06
N ASP A 272 -5.13 -0.92 21.72
CA ASP A 272 -4.94 -0.96 23.15
C ASP A 272 -3.48 -1.35 23.34
N LYS A 273 -2.63 -0.35 23.58
CA LYS A 273 -1.19 -0.57 23.68
C LYS A 273 -0.76 -1.24 24.99
N ASP A 274 -1.66 -1.26 25.98
CA ASP A 274 -1.45 -2.00 27.24
C ASP A 274 -1.52 -3.49 26.97
N LYS A 275 -2.62 -3.93 26.35
CA LYS A 275 -2.86 -5.33 26.02
C LYS A 275 -2.19 -5.78 24.71
N ASN A 276 -1.68 -4.81 23.95
CA ASN A 276 -1.15 -5.05 22.59
C ASN A 276 -2.19 -5.71 21.67
N THR A 277 -3.41 -5.15 21.66
CA THR A 277 -4.46 -5.58 20.73
C THR A 277 -4.81 -4.46 19.73
N ILE A 278 -5.40 -4.88 18.62
CA ILE A 278 -5.87 -3.97 17.58
C ILE A 278 -7.18 -4.52 16.99
N ASN A 279 -8.14 -3.61 16.82
CA ASN A 279 -9.40 -3.89 16.17
C ASN A 279 -9.53 -2.94 14.98
N SER A 280 -9.60 -3.51 13.77
CA SER A 280 -9.71 -2.74 12.53
C SER A 280 -11.07 -2.92 11.85
N ASN A 281 -12.04 -3.41 12.62
CA ASN A 281 -13.42 -3.54 12.19
C ASN A 281 -13.61 -4.46 10.97
N LYS A 282 -13.44 -5.76 11.20
CA LYS A 282 -13.73 -6.77 10.19
C LYS A 282 -15.24 -6.80 9.88
N GLN A 283 -15.57 -6.59 8.60
CA GLN A 283 -16.95 -6.57 8.10
C GLN A 283 -16.95 -7.28 6.73
N GLY A 284 -17.69 -8.40 6.64
CA GLY A 284 -17.54 -9.31 5.51
C GLY A 284 -16.08 -9.76 5.47
N ASN A 285 -15.45 -9.65 4.29
CA ASN A 285 -14.07 -10.09 4.09
C ASN A 285 -13.04 -8.93 4.07
N ALA A 286 -13.40 -7.80 4.69
CA ALA A 286 -12.49 -6.65 4.74
C ALA A 286 -12.49 -5.91 6.07
N THR A 287 -11.34 -5.32 6.40
CA THR A 287 -11.21 -4.44 7.56
C THR A 287 -11.54 -3.02 7.12
N VAL A 288 -12.70 -2.52 7.58
CA VAL A 288 -13.20 -1.21 7.13
C VAL A 288 -12.83 -0.07 8.07
N GLY A 289 -12.25 -0.42 9.22
CA GLY A 289 -11.80 0.57 10.19
C GLY A 289 -12.97 1.28 10.88
N PHE A 290 -12.64 2.37 11.60
CA PHE A 290 -13.58 3.06 12.47
C PHE A 290 -13.53 4.57 12.22
N GLU A 291 -14.72 5.18 12.08
CA GLU A 291 -14.84 6.64 12.04
C GLU A 291 -14.16 7.28 13.25
N ASP A 292 -14.34 6.65 14.42
CA ASP A 292 -13.83 7.12 15.69
C ASP A 292 -12.58 6.36 16.14
N GLY A 293 -11.83 5.80 15.18
CA GLY A 293 -10.60 5.08 15.48
C GLY A 293 -9.56 6.00 16.07
N ASP A 294 -8.73 5.46 16.98
CA ASP A 294 -7.72 6.23 17.71
C ASP A 294 -6.31 6.16 17.13
N GLN A 295 -6.10 5.30 16.13
CA GLN A 295 -4.79 5.15 15.52
C GLN A 295 -4.94 5.06 14.00
N TRP A 296 -4.19 5.88 13.27
CA TRP A 296 -4.17 5.82 11.82
C TRP A 296 -3.49 4.52 11.38
N THR A 297 -4.20 3.76 10.54
CA THR A 297 -3.65 2.57 9.89
C THR A 297 -3.92 2.63 8.39
N VAL A 298 -2.85 2.58 7.58
CA VAL A 298 -3.02 2.56 6.13
C VAL A 298 -3.64 1.22 5.70
N PRO A 299 -4.82 1.19 5.04
CA PRO A 299 -5.42 -0.06 4.59
C PRO A 299 -4.67 -0.56 3.36
N GLU A 300 -3.96 -1.69 3.52
CA GLU A 300 -3.11 -2.25 2.48
C GLU A 300 -3.71 -3.59 2.00
N ALA A 301 -4.15 -3.59 0.73
CA ALA A 301 -4.75 -4.72 0.05
C ALA A 301 -3.67 -5.46 -0.74
N ASP A 302 -3.21 -6.59 -0.20
CA ASP A 302 -2.18 -7.37 -0.87
C ASP A 302 -2.80 -8.39 -1.82
N ALA A 303 -2.19 -8.56 -3.00
CA ALA A 303 -2.67 -9.48 -4.00
C ALA A 303 -1.58 -10.02 -4.92
N ARG A 304 -1.91 -11.14 -5.57
CA ARG A 304 -1.01 -11.86 -6.45
C ARG A 304 -1.37 -11.56 -7.91
N ILE A 305 -0.36 -11.24 -8.73
CA ILE A 305 -0.58 -11.07 -10.15
C ILE A 305 -0.75 -12.44 -10.85
N THR A 306 -0.18 -13.48 -10.23
CA THR A 306 -0.34 -14.89 -10.68
C THR A 306 -1.15 -15.63 -9.60
N SER A 307 -1.27 -16.96 -9.70
CA SER A 307 -2.17 -17.71 -8.81
C SER A 307 -1.55 -17.94 -7.42
N GLY A 308 -0.22 -17.82 -7.33
CA GLY A 308 0.51 -17.98 -6.09
C GLY A 308 1.31 -16.74 -5.75
N TRP A 309 1.91 -16.72 -4.55
CA TRP A 309 2.90 -15.72 -4.20
C TRP A 309 4.24 -15.97 -4.89
N PHE A 310 4.61 -17.26 -4.99
CA PHE A 310 5.84 -17.63 -5.67
C PHE A 310 5.56 -18.08 -7.07
N TRP A 311 6.47 -17.76 -7.99
CA TRP A 311 6.44 -18.25 -9.33
C TRP A 311 6.61 -19.79 -9.34
N GLY A 312 5.95 -20.44 -10.30
CA GLY A 312 6.07 -21.87 -10.55
C GLY A 312 5.54 -22.20 -11.94
N THR A 313 5.90 -23.39 -12.43
CA THR A 313 5.51 -23.82 -13.77
C THR A 313 3.99 -23.99 -13.95
N LYS A 314 3.27 -24.21 -12.84
CA LYS A 314 1.79 -24.33 -12.85
C LYS A 314 1.08 -23.04 -12.45
N LYS A 315 1.84 -21.97 -12.21
CA LYS A 315 1.33 -20.74 -11.62
C LYS A 315 2.10 -19.52 -12.14
N ASN A 316 2.13 -19.38 -13.48
CA ASN A 316 2.88 -18.32 -14.14
C ASN A 316 2.04 -17.53 -15.12
N THR A 317 0.71 -17.69 -15.03
CA THR A 317 -0.25 -17.00 -15.89
C THR A 317 -0.71 -15.75 -15.16
N PRO A 318 -0.42 -14.54 -15.68
CA PRO A 318 -0.81 -13.31 -15.00
C PRO A 318 -2.32 -13.09 -15.16
N LYS A 319 -2.92 -12.48 -14.14
CA LYS A 319 -4.32 -12.08 -14.16
C LYS A 319 -4.59 -11.17 -15.36
N THR A 320 -5.84 -11.20 -15.85
CA THR A 320 -6.28 -10.37 -16.97
C THR A 320 -6.39 -8.90 -16.55
N MET A 321 -6.43 -8.00 -17.54
CA MET A 321 -6.71 -6.59 -17.31
C MET A 321 -8.06 -6.34 -16.63
N GLU A 322 -9.04 -7.19 -16.91
CA GLU A 322 -10.34 -7.13 -16.23
C GLU A 322 -10.16 -7.41 -14.73
N GLU A 323 -9.41 -8.46 -14.40
CA GLU A 323 -9.17 -8.81 -13.00
C GLU A 323 -8.38 -7.70 -12.29
N LEU A 324 -7.36 -7.17 -12.95
CA LEU A 324 -6.50 -6.14 -12.36
C LEU A 324 -7.20 -4.80 -12.24
N SER A 325 -8.03 -4.45 -13.23
CA SER A 325 -8.82 -3.21 -13.16
C SER A 325 -9.84 -3.30 -12.02
N ASP A 326 -10.50 -4.45 -11.88
CA ASP A 326 -11.34 -4.71 -10.71
C ASP A 326 -10.63 -4.46 -9.36
N MET A 327 -9.42 -5.03 -9.22
CA MET A 327 -8.60 -4.77 -8.04
C MET A 327 -8.37 -3.29 -7.80
N TYR A 328 -7.92 -2.61 -8.85
CA TYR A 328 -7.55 -1.20 -8.77
C TYR A 328 -8.71 -0.36 -8.25
N PHE A 329 -9.88 -0.49 -8.88
CA PHE A 329 -11.06 0.28 -8.51
C PHE A 329 -11.60 -0.05 -7.13
N ASN A 330 -11.37 -1.28 -6.66
CA ASN A 330 -11.85 -1.72 -5.37
C ASN A 330 -10.84 -1.62 -4.22
N SER A 331 -9.63 -1.16 -4.54
CA SER A 331 -8.61 -0.94 -3.52
C SER A 331 -8.27 0.55 -3.49
N VAL A 332 -7.52 0.99 -4.49
CA VAL A 332 -7.15 2.40 -4.67
C VAL A 332 -8.43 3.28 -4.67
N GLY A 333 -9.48 2.79 -5.32
CA GLY A 333 -10.76 3.49 -5.38
C GLY A 333 -11.60 3.52 -4.12
N HIS A 334 -11.18 2.72 -3.12
CA HIS A 334 -11.82 2.59 -1.81
C HIS A 334 -10.84 2.92 -0.66
N ASN A 335 -9.97 3.92 -0.84
CA ASN A 335 -9.10 4.43 0.22
C ASN A 335 -8.17 3.36 0.79
N ALA A 336 -7.70 2.46 -0.08
CA ALA A 336 -6.70 1.46 0.28
C ALA A 336 -5.53 1.55 -0.70
N THR A 337 -4.37 1.04 -0.30
CA THR A 337 -3.28 0.86 -1.24
C THR A 337 -3.37 -0.54 -1.83
N LEU A 338 -2.79 -0.72 -3.02
CA LEU A 338 -2.70 -2.02 -3.69
C LEU A 338 -1.22 -2.44 -3.69
N LEU A 339 -0.97 -3.59 -3.07
CA LEU A 339 0.35 -4.19 -2.94
C LEU A 339 0.32 -5.45 -3.78
N LEU A 340 0.79 -5.32 -5.01
CA LEU A 340 0.66 -6.38 -6.01
C LEU A 340 1.95 -7.14 -6.16
N ASN A 341 1.87 -8.47 -6.02
CA ASN A 341 3.04 -9.33 -6.09
C ASN A 341 3.38 -9.65 -7.53
N VAL A 342 4.67 -9.50 -7.88
CA VAL A 342 5.21 -9.79 -9.18
C VAL A 342 6.42 -10.69 -8.94
N PRO A 343 6.25 -12.03 -9.05
CA PRO A 343 7.30 -12.97 -8.63
C PRO A 343 8.34 -13.29 -9.69
N PRO A 344 9.64 -13.21 -9.35
CA PRO A 344 10.70 -13.71 -10.22
C PRO A 344 10.68 -15.22 -10.36
N ASN A 345 11.21 -15.69 -11.48
CA ASN A 345 11.24 -17.09 -11.83
C ASN A 345 12.56 -17.73 -11.41
N ASN A 346 12.70 -19.03 -11.70
CA ASN A 346 13.89 -19.79 -11.37
C ASN A 346 15.16 -19.50 -12.17
N GLN A 347 15.05 -18.56 -13.13
N GLN A 347 15.08 -18.54 -13.11
CA GLN A 347 16.17 -17.99 -13.89
CA GLN A 347 16.25 -18.03 -13.82
C GLN A 347 16.66 -16.64 -13.34
C GLN A 347 16.62 -16.62 -13.37
N GLY A 348 15.98 -16.16 -12.29
CA GLY A 348 16.30 -14.86 -11.67
C GLY A 348 15.82 -13.64 -12.41
N THR A 349 14.93 -13.83 -13.38
CA THR A 349 14.25 -12.69 -13.99
C THR A 349 12.75 -12.87 -13.84
N VAL A 350 11.95 -12.18 -14.67
CA VAL A 350 10.50 -12.28 -14.61
C VAL A 350 10.02 -12.66 -15.99
N ASP A 351 9.06 -13.58 -16.05
CA ASP A 351 8.53 -14.09 -17.31
C ASP A 351 8.03 -12.91 -18.14
N LYS A 352 8.33 -12.95 -19.43
CA LYS A 352 7.92 -11.91 -20.36
C LYS A 352 6.43 -11.58 -20.22
N ALA A 353 5.59 -12.62 -20.21
CA ALA A 353 4.13 -12.43 -20.09
C ALA A 353 3.71 -11.66 -18.83
N ILE A 354 4.46 -11.87 -17.72
CA ILE A 354 4.17 -11.23 -16.47
C ILE A 354 4.58 -9.77 -16.54
N LEU A 355 5.82 -9.52 -17.00
CA LEU A 355 6.34 -8.16 -17.18
C LEU A 355 5.42 -7.36 -18.07
N ASP A 356 4.99 -7.98 -19.17
CA ASP A 356 4.18 -7.28 -20.16
C ASP A 356 2.81 -6.92 -19.58
N ARG A 357 2.25 -7.79 -18.74
CA ARG A 357 0.98 -7.49 -18.10
C ARG A 357 1.12 -6.33 -17.08
N VAL A 358 2.25 -6.26 -16.40
CA VAL A 358 2.56 -5.19 -15.45
C VAL A 358 2.59 -3.86 -16.24
N THR A 359 3.34 -3.86 -17.34
CA THR A 359 3.48 -2.67 -18.20
C THR A 359 2.11 -2.24 -18.72
N GLU A 360 1.33 -3.21 -19.19
CA GLU A 360 -0.02 -2.96 -19.69
C GLU A 360 -0.94 -2.34 -18.63
N PHE A 361 -0.92 -2.89 -17.40
CA PHE A 361 -1.69 -2.40 -16.30
C PHE A 361 -1.32 -0.93 -16.02
N GLY A 362 -0.03 -0.69 -15.90
CA GLY A 362 0.48 0.66 -15.71
C GLY A 362 0.06 1.62 -16.81
N ASN A 363 0.17 1.19 -18.07
CA ASN A 363 -0.19 2.03 -19.22
C ASN A 363 -1.68 2.40 -19.21
N ASN A 364 -2.52 1.43 -18.86
CA ASN A 364 -3.95 1.60 -18.74
C ASN A 364 -4.37 2.56 -17.62
N ILE A 365 -3.66 2.51 -16.48
CA ILE A 365 -3.90 3.43 -15.38
C ILE A 365 -3.53 4.83 -15.83
N LYS A 366 -2.34 4.97 -16.44
CA LYS A 366 -1.89 6.27 -16.92
C LYS A 366 -2.85 6.89 -17.93
N ALA A 367 -3.38 6.08 -18.85
CA ALA A 367 -4.21 6.63 -19.93
C ALA A 367 -5.64 6.95 -19.44
N THR A 368 -6.15 6.13 -18.51
CA THR A 368 -7.45 6.35 -17.90
C THR A 368 -7.50 7.72 -17.21
N PHE A 369 -6.41 8.11 -16.54
CA PHE A 369 -6.36 9.32 -15.72
C PHE A 369 -5.56 10.47 -16.36
N LYS A 370 -5.33 10.37 -17.67
CA LYS A 370 -4.57 11.36 -18.43
C LYS A 370 -5.30 12.70 -18.60
N THR A 371 -6.61 12.63 -18.84
CA THR A 371 -7.42 13.78 -19.21
C THR A 371 -8.54 14.00 -18.20
N ASN A 372 -8.34 15.00 -17.33
CA ASN A 372 -9.30 15.37 -16.33
C ASN A 372 -10.32 16.28 -16.99
N LEU A 373 -11.52 15.73 -17.22
CA LEU A 373 -12.59 16.40 -17.92
C LEU A 373 -13.12 17.63 -17.18
N ALA A 374 -12.91 17.67 -15.86
CA ALA A 374 -13.26 18.85 -15.05
C ALA A 374 -12.37 20.07 -15.37
N LYS A 375 -11.25 19.83 -16.06
CA LYS A 375 -10.28 20.84 -16.49
C LYS A 375 -10.30 21.13 -17.99
N ALA A 376 -11.14 20.41 -18.74
CA ALA A 376 -11.27 20.67 -20.19
C ALA A 376 -11.59 22.14 -20.47
N GLU A 377 -11.32 22.58 -21.71
CA GLU A 377 -11.69 23.92 -22.10
C GLU A 377 -13.22 24.01 -22.10
N GLY A 378 -13.75 25.06 -21.46
CA GLY A 378 -15.17 25.26 -21.32
C GLY A 378 -15.77 24.62 -20.08
N ALA A 379 -14.95 23.88 -19.34
CA ALA A 379 -15.37 23.25 -18.09
C ALA A 379 -15.11 24.22 -16.95
N SER A 380 -15.84 24.03 -15.84
CA SER A 380 -15.70 24.84 -14.65
C SER A 380 -16.04 24.02 -13.42
N VAL A 381 -15.35 24.31 -12.31
CA VAL A 381 -15.63 23.75 -11.00
C VAL A 381 -16.03 24.87 -10.03
N LYS A 382 -17.23 24.76 -9.47
CA LYS A 382 -17.75 25.72 -8.52
C LYS A 382 -18.27 24.97 -7.32
N VAL A 383 -18.50 25.72 -6.22
CA VAL A 383 -18.94 25.15 -4.96
C VAL A 383 -20.10 25.96 -4.38
N SER A 384 -20.79 25.37 -3.42
CA SER A 384 -21.93 26.01 -2.78
C SER A 384 -21.49 27.11 -1.79
N GLU A 385 -20.23 27.07 -1.37
CA GLU A 385 -19.67 27.99 -0.36
C GLU A 385 -18.18 27.81 -0.25
N VAL A 386 -17.45 28.93 -0.11
CA VAL A 386 -16.01 28.94 0.12
C VAL A 386 -15.75 29.45 1.52
N ARG A 387 -14.92 28.70 2.27
CA ARG A 387 -14.50 29.04 3.61
C ARG A 387 -14.04 30.51 3.70
N GLY A 388 -14.83 31.31 4.41
CA GLY A 388 -14.58 32.73 4.63
C GLY A 388 -14.52 33.61 3.39
N GLY A 389 -14.97 33.07 2.25
CA GLY A 389 -14.81 33.71 0.96
C GLY A 389 -13.36 34.02 0.64
N ALA A 390 -12.45 33.15 1.11
CA ALA A 390 -11.00 33.37 1.04
C ALA A 390 -10.34 32.56 -0.09
N LYS A 391 -9.39 33.21 -0.78
CA LYS A 391 -8.59 32.63 -1.87
C LYS A 391 -8.06 31.23 -1.51
N GLU A 392 -7.66 31.09 -0.24
CA GLU A 392 -6.96 29.93 0.25
C GLU A 392 -7.77 28.63 0.14
N TYR A 393 -9.10 28.77 0.03
CA TYR A 393 -9.99 27.60 -0.01
C TYR A 393 -10.85 27.58 -1.26
N LYS A 394 -10.38 28.26 -2.31
CA LYS A 394 -11.13 28.41 -3.56
C LYS A 394 -11.34 27.08 -4.25
N PRO A 395 -12.44 26.89 -5.02
CA PRO A 395 -12.69 25.61 -5.68
C PRO A 395 -11.61 25.15 -6.67
N GLY A 396 -10.83 26.09 -7.21
CA GLY A 396 -9.72 25.81 -8.10
C GLY A 396 -8.62 24.97 -7.44
N ASN A 397 -8.64 24.91 -6.10
CA ASN A 397 -7.73 24.09 -5.33
C ASN A 397 -7.99 22.59 -5.52
N MET A 398 -9.17 22.23 -6.05
CA MET A 398 -9.48 20.81 -6.31
C MET A 398 -9.02 20.28 -7.67
N ILE A 399 -8.45 21.16 -8.51
CA ILE A 399 -7.96 20.79 -9.82
C ILE A 399 -6.59 21.39 -10.14
N ASP A 400 -5.77 21.57 -9.11
CA ASP A 400 -4.42 22.12 -9.29
C ASP A 400 -3.27 21.10 -9.16
N ASP A 401 -3.62 19.80 -9.09
CA ASP A 401 -2.64 18.73 -8.96
C ASP A 401 -1.67 19.05 -7.81
N ASN A 402 -2.23 19.50 -6.69
CA ASN A 402 -1.48 19.83 -5.50
C ASN A 402 -2.22 19.27 -4.30
N ASP A 403 -1.67 18.23 -3.69
CA ASP A 403 -2.30 17.65 -2.51
C ASP A 403 -2.38 18.57 -1.29
N GLU A 404 -1.55 19.63 -1.27
CA GLU A 404 -1.48 20.56 -0.14
C GLU A 404 -2.60 21.61 -0.13
N THR A 405 -3.23 21.84 -1.29
CA THR A 405 -4.31 22.82 -1.42
C THR A 405 -5.64 22.11 -1.47
N TYR A 406 -6.64 22.68 -0.80
CA TYR A 406 -7.97 22.09 -0.75
C TYR A 406 -9.05 23.13 -0.70
N TRP A 407 -10.26 22.71 -1.10
CA TRP A 407 -11.48 23.45 -0.85
C TRP A 407 -12.03 23.02 0.50
N ALA A 408 -12.66 23.98 1.20
CA ALA A 408 -13.37 23.74 2.44
C ALA A 408 -14.46 24.78 2.58
N THR A 409 -15.39 24.52 3.51
CA THR A 409 -16.48 25.43 3.84
C THR A 409 -16.12 26.21 5.11
N SER A 410 -16.93 27.21 5.45
CA SER A 410 -16.76 28.00 6.67
C SER A 410 -17.15 27.17 7.89
N ASP A 411 -16.61 27.54 9.06
CA ASP A 411 -17.00 26.97 10.35
C ASP A 411 -18.52 27.02 10.45
N GLY A 412 -19.11 25.93 10.97
CA GLY A 412 -20.55 25.82 11.16
C GLY A 412 -21.31 25.28 9.95
N LYS A 413 -20.59 25.05 8.84
CA LYS A 413 -21.16 24.42 7.64
C LYS A 413 -20.46 23.08 7.42
N LYS A 414 -21.09 22.01 7.92
CA LYS A 414 -20.50 20.67 7.88
C LYS A 414 -20.62 19.94 6.54
N SER A 415 -21.38 20.52 5.60
CA SER A 415 -21.59 19.94 4.29
C SER A 415 -21.49 20.97 3.19
N GLY A 416 -21.04 20.53 2.01
CA GLY A 416 -20.93 21.39 0.85
C GLY A 416 -21.13 20.64 -0.44
N GLU A 417 -21.41 21.39 -1.51
CA GLU A 417 -21.64 20.83 -2.83
C GLU A 417 -20.63 21.36 -3.81
N ILE A 418 -20.21 20.47 -4.72
CA ILE A 418 -19.34 20.82 -5.83
C ILE A 418 -20.06 20.59 -7.16
N LEU A 419 -20.12 21.65 -7.97
CA LEU A 419 -20.69 21.57 -9.31
C LEU A 419 -19.57 21.56 -10.33
N ILE A 420 -19.45 20.43 -11.04
CA ILE A 420 -18.58 20.29 -12.19
C ILE A 420 -19.45 20.41 -13.42
N ASP A 421 -19.23 21.49 -14.20
CA ASP A 421 -19.87 21.68 -15.49
C ASP A 421 -18.83 21.34 -16.54
N LEU A 422 -19.09 20.28 -17.31
CA LEU A 422 -18.16 19.77 -18.29
C LEU A 422 -18.08 20.62 -19.56
N GLY A 423 -19.03 21.57 -19.72
CA GLY A 423 -19.04 22.51 -20.83
C GLY A 423 -19.81 22.07 -22.06
N LYS A 424 -20.19 20.78 -22.09
CA LYS A 424 -20.97 20.17 -23.17
C LYS A 424 -21.34 18.77 -22.70
N GLU A 425 -22.27 18.12 -23.42
CA GLU A 425 -22.59 16.73 -23.19
C GLU A 425 -21.31 15.90 -23.42
N THR A 426 -20.89 15.16 -22.39
CA THR A 426 -19.58 14.53 -22.34
C THR A 426 -19.66 13.11 -21.80
N LYS A 427 -18.91 12.20 -22.42
CA LYS A 427 -18.86 10.81 -22.02
C LYS A 427 -17.84 10.65 -20.89
N PHE A 428 -18.21 9.86 -19.87
CA PHE A 428 -17.33 9.58 -18.74
C PHE A 428 -17.80 8.31 -18.05
N ASP A 429 -16.93 7.71 -17.24
CA ASP A 429 -17.31 6.59 -16.39
C ASP A 429 -16.59 6.52 -15.03
N VAL A 430 -15.76 7.53 -14.72
CA VAL A 430 -15.05 7.60 -13.45
C VAL A 430 -15.10 9.02 -12.86
N VAL A 431 -15.57 9.12 -11.61
CA VAL A 431 -15.45 10.35 -10.83
C VAL A 431 -14.51 10.08 -9.66
N SER A 432 -13.52 10.97 -9.51
CA SER A 432 -12.45 10.84 -8.52
C SER A 432 -12.56 11.96 -7.50
N ILE A 433 -12.51 11.58 -6.22
CA ILE A 433 -12.56 12.54 -5.12
C ILE A 433 -11.48 12.20 -4.09
N GLU A 434 -10.73 13.22 -3.66
CA GLU A 434 -9.64 13.05 -2.69
C GLU A 434 -9.80 14.04 -1.54
N GLU A 435 -9.95 13.50 -0.33
CA GLU A 435 -10.06 14.27 0.90
C GLU A 435 -8.65 14.64 1.36
N ALA A 436 -8.51 15.82 1.99
CA ALA A 436 -7.20 16.28 2.46
C ALA A 436 -6.80 15.56 3.77
N ILE A 437 -6.42 14.29 3.65
CA ILE A 437 -6.26 13.41 4.80
C ILE A 437 -5.08 13.78 5.69
N GLN A 438 -4.17 14.62 5.19
CA GLN A 438 -3.13 15.20 6.05
C GLN A 438 -3.74 15.81 7.32
N ASN A 439 -4.98 16.29 7.21
CA ASN A 439 -5.67 16.91 8.32
C ASN A 439 -6.72 16.02 8.98
N GLY A 440 -6.79 14.76 8.52
CA GLY A 440 -7.73 13.78 9.03
C GLY A 440 -8.67 13.24 7.99
N GLN A 441 -9.23 12.06 8.27
CA GLN A 441 -10.33 11.51 7.50
C GLN A 441 -11.56 11.69 8.35
N ARG A 442 -12.51 12.48 7.85
CA ARG A 442 -13.66 12.91 8.63
C ARG A 442 -15.00 12.86 7.90
N ILE A 443 -14.96 12.91 6.56
CA ILE A 443 -16.16 12.90 5.74
C ILE A 443 -16.91 11.58 5.95
N ASN A 444 -18.20 11.68 6.25
CA ASN A 444 -19.01 10.50 6.56
C ASN A 444 -20.28 10.30 5.75
N ASN A 445 -20.48 11.17 4.74
CA ASN A 445 -21.49 10.96 3.72
C ASN A 445 -21.03 11.64 2.44
N TYR A 446 -21.19 10.95 1.30
CA TYR A 446 -20.99 11.57 -0.02
C TYR A 446 -22.07 11.12 -0.99
N LYS A 447 -22.27 11.90 -2.05
CA LYS A 447 -23.22 11.59 -3.10
C LYS A 447 -22.67 12.20 -4.39
N VAL A 448 -22.71 11.42 -5.48
CA VAL A 448 -22.38 11.89 -6.81
C VAL A 448 -23.58 11.75 -7.73
N GLU A 449 -23.98 12.87 -8.34
CA GLU A 449 -25.16 12.96 -9.18
C GLU A 449 -24.74 13.54 -10.52
N TYR A 450 -25.57 13.35 -11.55
CA TYR A 450 -25.33 13.98 -12.84
C TYR A 450 -26.62 14.30 -13.58
N ARG A 451 -26.51 15.17 -14.58
CA ARG A 451 -27.62 15.45 -15.47
C ARG A 451 -27.15 15.97 -16.80
N ASN A 452 -28.07 15.91 -17.77
CA ASN A 452 -27.92 16.55 -19.07
C ASN A 452 -28.42 17.97 -18.93
N GLY A 453 -27.78 18.91 -19.64
CA GLY A 453 -28.13 20.32 -19.57
C GLY A 453 -27.68 20.97 -18.29
N ASP A 454 -28.25 22.15 -17.99
CA ASP A 454 -27.87 22.96 -16.84
C ASP A 454 -29.05 23.19 -15.89
N SER A 455 -30.03 22.28 -15.94
CA SER A 455 -31.19 22.30 -15.06
C SER A 455 -31.92 20.96 -15.07
N GLY A 456 -32.90 20.83 -14.18
CA GLY A 456 -33.72 19.64 -14.08
C GLY A 456 -33.17 18.70 -13.02
N THR A 457 -33.86 17.58 -12.85
CA THR A 457 -33.58 16.63 -11.79
C THR A 457 -32.22 15.95 -11.99
N TRP A 458 -31.58 15.60 -10.87
CA TRP A 458 -30.30 14.90 -10.85
C TRP A 458 -30.53 13.40 -10.91
N THR A 459 -29.62 12.70 -11.61
CA THR A 459 -29.59 11.23 -11.64
C THR A 459 -28.47 10.77 -10.72
N LEU A 460 -28.79 9.85 -9.82
CA LEU A 460 -27.84 9.35 -8.85
C LEU A 460 -26.87 8.43 -9.53
N LEU A 461 -25.56 8.68 -9.33
CA LEU A 461 -24.49 7.79 -9.77
C LEU A 461 -24.10 6.86 -8.61
N GLU A 462 -23.75 7.46 -7.47
CA GLU A 462 -23.29 6.69 -6.31
C GLU A 462 -23.40 7.53 -5.04
N GLU A 463 -23.76 6.86 -3.93
CA GLU A 463 -23.75 7.48 -2.62
C GLU A 463 -23.06 6.53 -1.66
N GLY A 464 -22.39 7.09 -0.65
CA GLY A 464 -21.69 6.31 0.35
C GLY A 464 -21.30 7.13 1.56
N LYS A 465 -20.32 6.62 2.31
CA LYS A 465 -19.89 7.27 3.55
C LYS A 465 -18.56 7.99 3.41
N THR A 466 -17.51 7.26 3.03
CA THR A 466 -16.15 7.77 3.12
C THR A 466 -15.59 8.29 1.79
N ILE A 467 -14.64 9.21 1.90
CA ILE A 467 -13.77 9.57 0.81
C ILE A 467 -12.32 9.12 1.13
N GLY A 468 -11.71 9.73 2.13
CA GLY A 468 -10.33 9.43 2.50
C GLY A 468 -9.35 9.79 1.41
N ALA A 469 -8.24 9.03 1.33
CA ALA A 469 -7.17 9.34 0.37
C ALA A 469 -7.69 9.44 -1.08
N LYS A 470 -8.55 8.49 -1.45
CA LYS A 470 -9.16 8.45 -2.76
C LYS A 470 -10.44 7.64 -2.77
N ARG A 471 -11.48 8.26 -3.33
CA ARG A 471 -12.73 7.60 -3.74
C ARG A 471 -12.78 7.64 -5.27
N LEU A 472 -12.92 6.47 -5.91
CA LEU A 472 -13.21 6.38 -7.33
C LEU A 472 -14.58 5.80 -7.48
N CYS A 473 -15.49 6.57 -8.08
CA CYS A 473 -16.81 6.10 -8.49
C CYS A 473 -16.77 5.67 -9.96
N ARG A 474 -16.82 4.36 -10.19
CA ARG A 474 -16.81 3.80 -11.54
C ARG A 474 -18.20 3.32 -11.89
N THR A 475 -18.65 3.69 -13.09
CA THR A 475 -19.94 3.31 -13.61
C THR A 475 -19.77 2.85 -15.05
N SER A 476 -20.87 2.48 -15.70
CA SER A 476 -20.88 2.21 -17.14
C SER A 476 -20.80 3.56 -17.84
N GLU A 477 -20.33 3.57 -19.09
CA GLU A 477 -20.20 4.80 -19.86
C GLU A 477 -21.48 5.62 -19.76
N THR A 478 -21.33 6.89 -19.36
CA THR A 478 -22.45 7.79 -19.12
C THR A 478 -22.17 9.08 -19.87
N THR A 479 -23.25 9.75 -20.27
CA THR A 479 -23.16 11.05 -20.94
C THR A 479 -23.87 12.06 -20.09
N ALA A 480 -23.21 13.20 -19.84
CA ALA A 480 -23.78 14.27 -19.03
C ALA A 480 -23.07 15.59 -19.27
N ARG A 481 -23.71 16.68 -18.84
CA ARG A 481 -23.15 18.03 -18.91
C ARG A 481 -22.62 18.47 -17.54
N GLN A 482 -23.36 18.14 -16.48
CA GLN A 482 -22.99 18.55 -15.12
C GLN A 482 -23.00 17.39 -14.15
N ILE A 483 -22.04 17.42 -13.22
CA ILE A 483 -21.92 16.44 -12.16
C ILE A 483 -21.92 17.22 -10.84
N LYS A 484 -22.74 16.78 -9.88
CA LYS A 484 -22.78 17.41 -8.57
C LYS A 484 -22.32 16.44 -7.49
N ILE A 485 -21.30 16.86 -6.74
CA ILE A 485 -20.75 16.09 -5.63
C ILE A 485 -21.13 16.74 -4.33
N THR A 486 -21.72 15.96 -3.43
CA THR A 486 -22.04 16.40 -2.08
C THR A 486 -21.17 15.63 -1.11
N VAL A 487 -20.48 16.37 -0.22
CA VAL A 487 -19.67 15.78 0.86
C VAL A 487 -19.98 16.45 2.18
N GLY A 488 -20.08 15.64 3.23
CA GLY A 488 -20.38 16.12 4.56
C GLY A 488 -19.61 15.40 5.65
N THR A 489 -19.51 16.05 6.80
CA THR A 489 -18.89 15.47 7.99
C THR A 489 -19.84 15.74 9.17
N CYS A 490 -19.37 15.48 10.39
CA CYS A 490 -20.20 15.64 11.59
C CYS A 490 -20.26 17.11 12.05
N ASP A 491 -21.19 17.40 12.97
CA ASP A 491 -21.31 18.72 13.57
C ASP A 491 -19.97 19.20 14.14
N GLY A 492 -19.68 20.49 13.95
CA GLY A 492 -18.47 21.11 14.45
C GLY A 492 -17.20 20.89 13.63
N LYS A 493 -17.33 20.26 12.46
CA LYS A 493 -16.22 20.11 11.53
C LYS A 493 -16.69 20.50 10.13
N VAL A 494 -15.72 20.78 9.25
CA VAL A 494 -15.94 21.09 7.85
C VAL A 494 -15.18 20.13 6.93
N PRO A 495 -15.71 19.82 5.73
CA PRO A 495 -15.01 18.96 4.77
C PRO A 495 -13.85 19.68 4.09
N MET A 496 -12.80 18.93 3.75
CA MET A 496 -11.65 19.42 3.00
C MET A 496 -11.34 18.46 1.84
N ILE A 497 -11.43 18.97 0.61
CA ILE A 497 -11.21 18.17 -0.61
C ILE A 497 -10.00 18.73 -1.33
N SER A 498 -8.94 17.94 -1.43
CA SER A 498 -7.72 18.40 -2.10
C SER A 498 -7.71 18.23 -3.63
N GLU A 499 -8.42 17.23 -4.16
CA GLU A 499 -8.49 17.04 -5.62
C GLU A 499 -9.78 16.32 -6.01
N ILE A 500 -10.30 16.67 -7.19
CA ILE A 500 -11.38 15.94 -7.84
C ILE A 500 -11.07 15.83 -9.32
N GLY A 501 -11.67 14.83 -9.96
CA GLY A 501 -11.60 14.69 -11.40
C GLY A 501 -12.72 13.85 -11.97
N VAL A 502 -12.88 13.96 -13.30
CA VAL A 502 -13.84 13.18 -14.07
C VAL A 502 -13.08 12.61 -15.24
N TYR A 503 -13.24 11.31 -15.50
CA TYR A 503 -12.45 10.60 -16.51
C TYR A 503 -13.28 9.60 -17.31
N LYS A 504 -12.85 9.36 -18.55
CA LYS A 504 -13.30 8.20 -19.32
C LYS A 504 -12.16 7.21 -19.36
N SER A 505 -12.40 5.99 -18.85
CA SER A 505 -11.35 4.98 -18.77
C SER A 505 -11.03 4.38 -20.15
N THR A 506 -9.85 3.76 -20.25
CA THR A 506 -9.52 2.95 -21.41
C THR A 506 -10.46 1.77 -21.52
N GLU A 507 -10.55 1.20 -22.73
CA GLU A 507 -11.40 0.02 -23.01
C GLU A 507 -11.20 -1.11 -21.99
N ASP A 508 -9.94 -1.41 -21.68
CA ASP A 508 -9.60 -2.52 -20.79
C ASP A 508 -9.76 -2.24 -19.29
N MET A 509 -10.08 -0.98 -18.95
N MET A 509 -10.09 -1.00 -18.94
CA MET A 509 -10.41 -0.56 -17.60
CA MET A 509 -10.44 -0.62 -17.57
C MET A 509 -11.90 -0.30 -17.35
C MET A 509 -11.91 -0.26 -17.35
N GLU A 510 -12.71 -0.31 -18.42
CA GLU A 510 -14.17 -0.10 -18.31
C GLU A 510 -14.85 -1.23 -17.50
N LYS A 511 -15.91 -0.88 -16.78
CA LYS A 511 -16.63 -1.82 -15.92
C LYS A 511 -17.26 -2.97 -16.71
C1 FUL B . 1.93 -14.49 4.66
C2 FUL B . 2.44 -15.81 4.11
O2 FUL B . 1.86 -16.91 4.84
C3 FUL B . 2.15 -16.00 2.63
O3 FUL B . 2.92 -17.13 2.18
C4 FUL B . 2.55 -14.74 1.86
O4 FUL B . 3.97 -14.58 1.95
C5 FUL B . 1.83 -13.53 2.43
C6 FUL B . 2.15 -12.26 1.63
O5 FUL B . 2.22 -13.37 3.80
O1 FUL B . 2.60 -14.28 5.92
MG MG C . -1.77 11.90 -6.47
MG MG D . 25.44 -16.78 6.56
MG MG E . 19.08 1.09 6.84
MG MG F . 22.04 -9.04 -10.74
CA CA G . -5.32 20.72 -4.54
CA CA H . 14.60 -20.79 21.50
#